data_1EJ9
#
_entry.id   1EJ9
#
_cell.length_a   56.98
_cell.length_b   124.92
_cell.length_c   72.29
_cell.angle_alpha   90.0
_cell.angle_beta   93.84
_cell.angle_gamma   90.0
#
_symmetry.space_group_name_H-M   'P 1 21 1'
#
loop_
_entity.id
_entity.type
_entity.pdbx_description
1 polymer "DNA (5'-D(*C*AP*AP*AP*AP*AP*GP*AP*CP*TP*CP*AP*GP*AP*AP*AP*AP*AP*TP*TP*TP*TP*T)-3')"
2 polymer "DNA (5'-D(*C*AP*AP*AP*AP*AP*TP*TP*TP*TP*TP*CP*TP*GP*AP*GP*TP*CP*TP*TP*TP*TP*T)-3')"
3 polymer 'DNA TOPOISOMERASE I'
4 water water
#
loop_
_entity_poly.entity_id
_entity_poly.type
_entity_poly.pdbx_seq_one_letter_code
_entity_poly.pdbx_strand_id
1 'polydeoxyribonucleotide'
;(DC)(DA)(DA)(DA)(DA)(DA)(DG)(DA)(DC)(DT)(DC)(DA)(DG)(DA)(DA)(DA)(DA)(DA)(DT)(DT)
(DT)(DT)(DT)
;
C
2 'polydeoxyribonucleotide'
;(DC)(DA)(DA)(DA)(DA)(DA)(DT)(DT)(DT)(DT)(DT)(DC)(DT)(DG)(DA)(DG)(DT)(DC)(DT)(DT)
(DT)(DT)(DT)
;
D
3 'polypeptide(L)'
;WKWWEEERYPEGIKWKFLEHKGPVFAPPYEPLPENVKFYYDGKVMKLSPKAEEVATFFAKMLDHEYTTKEIFRKNFFKDW
RKEMTNEEKNIITNLSKCDFTQMSQYFKAQTEARKQMSKEEKLKIKEENEKLLKEYGFCIMDNHKERIANFKIEPPGLFR
GRGNHPKMGMLKRRIMPEDIIINCSKDAKVPSPPPGHKWKEVRHDNKVTWLVSWTENIQGSIKYIMLNPSSRIKGEKDWQ
KYETARRLKKCVDKIRNQYREDWKSKEMKVRQRAVALYFIDKLALRAGNEKEEGETADTVGCCSLRVEHINLHPELDGQE
YVVEFDFLGKDSIRYYNKVPVEKRVFKNLQLFMENKQPEDDLFDRLNTGILNKHLQDLMEGLTAKVFRTYNASITLQQQL
KELTAPDENIPAKILSYNRANRAVAILCNHQIAPPKTFEKSMMNLQTKIDAKKEQLADARRDLKSAKADAKVMKDAKTKK
VVESKKKAVQRLEEQLMKLEVQATDREENKQIALGTSKLNFLDPRITVAWCKKWGVPIEKIYNKTQREKFAWAIDMADED
YEF
;
A
#
loop_
_chem_comp.id
_chem_comp.type
_chem_comp.name
_chem_comp.formula
DA DNA linking 2'-DEOXYADENOSINE-5'-MONOPHOSPHATE 'C10 H14 N5 O6 P'
DC DNA linking 2'-DEOXYCYTIDINE-5'-MONOPHOSPHATE 'C9 H14 N3 O7 P'
DG DNA linking 2'-DEOXYGUANOSINE-5'-MONOPHOSPHATE 'C10 H14 N5 O7 P'
DT DNA linking THYMIDINE-5'-MONOPHOSPHATE 'C10 H15 N2 O8 P'
#
# COMPACT_ATOMS: atom_id res chain seq x y z
N TRP C 1 -2.71 -27.18 -5.89
CA TRP C 1 -2.72 -27.68 -4.47
C TRP C 1 -3.72 -26.93 -3.56
N LYS C 2 -4.88 -27.53 -3.33
CA LYS C 2 -5.87 -26.90 -2.48
C LYS C 2 -5.41 -26.84 -1.02
N TRP C 3 -4.45 -25.94 -0.75
CA TRP C 3 -3.90 -25.76 0.59
C TRP C 3 -4.99 -25.46 1.62
N TRP C 4 -6.08 -24.89 1.15
CA TRP C 4 -7.18 -24.54 2.03
C TRP C 4 -7.80 -25.76 2.65
N GLU C 5 -7.60 -26.87 1.96
CA GLU C 5 -8.11 -28.14 2.43
C GLU C 5 -7.08 -28.80 3.37
N GLU C 6 -6.23 -28.02 4.03
CA GLU C 6 -5.24 -28.61 4.93
C GLU C 6 -5.45 -28.14 6.35
N GLU C 7 -4.52 -28.48 7.24
CA GLU C 7 -4.60 -28.09 8.64
C GLU C 7 -3.70 -26.88 8.84
N ARG C 8 -4.29 -25.79 9.35
CA ARG C 8 -3.52 -24.56 9.60
C ARG C 8 -2.48 -24.91 10.67
N TYR C 9 -1.32 -24.27 10.63
CA TYR C 9 -0.24 -24.50 11.60
C TYR C 9 -0.56 -23.85 12.93
N PRO C 10 0.23 -24.16 13.99
CA PRO C 10 -0.08 -23.52 15.27
C PRO C 10 0.10 -22.03 15.02
N GLU C 11 -0.11 -21.23 16.05
CA GLU C 11 0.08 -19.79 15.86
C GLU C 11 1.57 -19.53 16.02
N GLY C 12 2.07 -18.58 15.22
CA GLY C 12 3.47 -18.22 15.26
C GLY C 12 4.29 -18.93 14.21
N ILE C 13 4.12 -20.25 14.12
CA ILE C 13 4.85 -21.03 13.14
C ILE C 13 4.28 -20.77 11.76
N LYS C 14 5.11 -20.19 10.90
CA LYS C 14 4.75 -19.85 9.53
C LYS C 14 5.11 -20.94 8.50
N TRP C 15 6.15 -21.72 8.77
CA TRP C 15 6.57 -22.82 7.89
C TRP C 15 7.63 -23.63 8.61
N LYS C 16 7.97 -24.78 8.06
CA LYS C 16 8.99 -25.63 8.66
C LYS C 16 10.27 -25.63 7.84
N PHE C 17 10.12 -25.50 6.53
CA PHE C 17 11.24 -25.48 5.58
C PHE C 17 10.99 -24.34 4.62
N LEU C 18 12.08 -23.81 4.10
CA LEU C 18 12.04 -22.70 3.15
C LEU C 18 13.37 -22.55 2.48
N GLU C 19 13.34 -22.45 1.16
CA GLU C 19 14.55 -22.32 0.36
C GLU C 19 14.34 -21.40 -0.85
N HIS C 20 15.16 -20.34 -0.96
CA HIS C 20 15.08 -19.41 -2.09
C HIS C 20 16.49 -19.11 -2.63
N LYS C 21 16.56 -18.39 -3.73
CA LYS C 21 17.85 -18.09 -4.31
C LYS C 21 18.28 -16.69 -4.02
N GLY C 22 17.57 -16.02 -3.14
CA GLY C 22 17.90 -14.64 -2.83
C GLY C 22 17.41 -13.71 -3.92
N PRO C 23 17.65 -12.41 -3.76
CA PRO C 23 17.27 -11.33 -4.68
C PRO C 23 18.12 -11.13 -5.92
N VAL C 24 17.50 -10.58 -6.93
CA VAL C 24 18.21 -10.26 -8.15
C VAL C 24 18.63 -8.84 -7.87
N PHE C 25 19.93 -8.58 -7.77
CA PHE C 25 20.41 -7.23 -7.52
C PHE C 25 20.28 -6.40 -8.76
N ALA C 26 20.27 -5.09 -8.61
CA ALA C 26 20.15 -4.23 -9.78
C ALA C 26 21.45 -4.33 -10.58
N PRO C 27 21.35 -4.39 -11.92
CA PRO C 27 22.57 -4.49 -12.71
C PRO C 27 23.42 -3.28 -12.54
N PRO C 28 24.67 -3.44 -12.91
CA PRO C 28 25.64 -2.38 -12.81
C PRO C 28 25.30 -1.19 -13.67
N TYR C 29 25.91 -0.09 -13.28
CA TYR C 29 25.76 1.18 -13.93
C TYR C 29 26.75 1.31 -15.10
N GLU C 30 26.23 1.57 -16.29
CA GLU C 30 27.07 1.74 -17.45
C GLU C 30 27.16 3.24 -17.60
N PRO C 31 28.38 3.78 -17.70
CA PRO C 31 28.54 5.22 -17.85
C PRO C 31 28.00 5.74 -19.18
N LEU C 32 27.84 7.05 -19.28
CA LEU C 32 27.34 7.65 -20.49
C LEU C 32 28.35 7.58 -21.60
N PRO C 33 27.83 7.54 -22.82
CA PRO C 33 28.71 7.48 -23.98
C PRO C 33 29.42 8.80 -23.92
N GLU C 34 30.67 8.80 -24.36
CA GLU C 34 31.50 10.00 -24.35
C GLU C 34 30.87 11.19 -25.07
N ASN C 35 29.99 10.90 -26.02
CA ASN C 35 29.31 11.91 -26.79
C ASN C 35 28.22 12.58 -25.98
N VAL C 36 27.72 11.88 -24.96
CA VAL C 36 26.64 12.42 -24.12
C VAL C 36 27.29 13.31 -23.06
N LYS C 37 26.96 14.61 -23.10
CA LYS C 37 27.60 15.61 -22.24
C LYS C 37 26.89 16.29 -21.11
N PHE C 38 27.69 16.63 -20.11
CA PHE C 38 27.21 17.38 -18.97
C PHE C 38 27.94 18.71 -18.95
N TYR C 39 27.24 19.74 -18.52
CA TYR C 39 27.84 21.04 -18.43
C TYR C 39 27.52 21.68 -17.12
N TYR C 40 28.54 22.32 -16.58
CA TYR C 40 28.37 23.09 -15.37
C TYR C 40 28.86 24.49 -15.71
N ASP C 41 28.00 25.46 -15.46
CA ASP C 41 28.28 26.84 -15.75
C ASP C 41 28.65 26.97 -17.22
N GLY C 42 28.03 26.15 -18.04
CA GLY C 42 28.29 26.18 -19.46
C GLY C 42 29.67 25.65 -19.81
N LYS C 43 30.22 24.81 -18.93
CA LYS C 43 31.54 24.22 -19.18
C LYS C 43 31.49 22.67 -19.09
N VAL C 44 31.83 22.00 -20.21
CA VAL C 44 31.83 20.54 -20.27
C VAL C 44 32.56 20.05 -19.08
N MET C 45 32.02 19.01 -18.48
CA MET C 45 32.64 18.48 -17.30
C MET C 45 32.29 17.03 -17.26
N LYS C 46 33.31 16.19 -17.24
CA LYS C 46 33.05 14.77 -17.18
C LYS C 46 32.96 14.45 -15.70
N LEU C 47 31.94 13.68 -15.31
CA LEU C 47 31.78 13.36 -13.91
C LEU C 47 32.28 12.05 -13.43
N SER C 48 32.50 12.07 -12.13
CA SER C 48 32.89 10.90 -11.41
C SER C 48 31.78 9.91 -11.72
N PRO C 49 32.09 8.61 -11.72
CA PRO C 49 31.05 7.64 -12.01
C PRO C 49 29.81 7.74 -11.09
N LYS C 50 30.05 7.81 -9.79
CA LYS C 50 28.93 7.91 -8.87
C LYS C 50 28.16 9.18 -9.14
N ALA C 51 28.87 10.28 -9.33
CA ALA C 51 28.20 11.53 -9.57
C ALA C 51 27.40 11.49 -10.86
N GLU C 52 28.00 10.94 -11.90
CA GLU C 52 27.32 10.90 -13.17
C GLU C 52 25.97 10.22 -13.09
N GLU C 53 25.96 9.07 -12.43
CA GLU C 53 24.78 8.25 -12.28
C GLU C 53 23.66 8.99 -11.60
N VAL C 54 24.01 9.63 -10.51
CA VAL C 54 23.01 10.37 -9.81
C VAL C 54 22.45 11.43 -10.73
N ALA C 55 23.33 12.13 -11.45
CA ALA C 55 22.88 13.15 -12.35
C ALA C 55 21.94 12.55 -13.36
N THR C 56 22.16 11.29 -13.66
CA THR C 56 21.31 10.63 -14.63
C THR C 56 19.90 10.49 -14.10
N PHE C 57 19.77 10.26 -12.80
CA PHE C 57 18.43 10.11 -12.24
C PHE C 57 17.64 11.36 -12.49
N PHE C 58 18.27 12.46 -12.09
CA PHE C 58 17.67 13.75 -12.25
C PHE C 58 17.41 13.99 -13.71
N ALA C 59 18.46 13.84 -14.51
CA ALA C 59 18.37 14.04 -15.95
C ALA C 59 17.20 13.26 -16.56
N LYS C 60 16.97 12.04 -16.06
CA LYS C 60 15.90 11.16 -16.51
C LYS C 60 14.50 11.60 -16.14
N MET C 61 14.40 12.48 -15.15
CA MET C 61 13.10 13.00 -14.69
C MET C 61 12.89 14.46 -15.04
N LEU C 62 13.92 15.07 -15.61
CA LEU C 62 13.88 16.48 -15.99
C LEU C 62 12.54 17.08 -16.46
N ASP C 63 11.75 16.30 -17.18
CA ASP C 63 10.49 16.81 -17.69
C ASP C 63 9.32 16.83 -16.69
N HIS C 64 9.36 15.99 -15.67
CA HIS C 64 8.30 16.00 -14.66
C HIS C 64 8.38 17.39 -14.03
N GLU C 65 7.28 17.91 -13.50
CA GLU C 65 7.34 19.23 -12.85
C GLU C 65 7.88 18.99 -11.45
N TYR C 66 7.97 17.70 -11.13
CA TYR C 66 8.52 17.17 -9.89
C TYR C 66 9.80 17.99 -9.60
N THR C 67 10.66 17.96 -10.61
CA THR C 67 11.97 18.59 -10.62
C THR C 67 12.03 20.10 -10.52
N THR C 68 10.88 20.73 -10.41
CA THR C 68 10.86 22.18 -10.33
C THR C 68 10.77 22.63 -8.88
N LYS C 69 10.12 21.82 -8.05
CA LYS C 69 9.88 22.11 -6.64
C LYS C 69 11.06 22.27 -5.72
N GLU C 70 10.90 23.11 -4.71
CA GLU C 70 11.98 23.36 -3.75
C GLU C 70 12.47 22.20 -2.93
N ILE C 71 11.57 21.40 -2.35
CA ILE C 71 12.07 20.31 -1.54
C ILE C 71 12.92 19.36 -2.38
N PHE C 72 12.38 18.97 -3.52
CA PHE C 72 13.04 18.07 -4.43
C PHE C 72 14.46 18.42 -4.80
N ARG C 73 14.67 19.67 -5.14
CA ARG C 73 15.98 20.12 -5.58
C ARG C 73 16.95 20.20 -4.45
N LYS C 74 16.47 20.73 -3.34
CA LYS C 74 17.26 20.89 -2.17
C LYS C 74 17.71 19.54 -1.70
N ASN C 75 16.72 18.65 -1.61
CA ASN C 75 16.93 17.28 -1.17
C ASN C 75 17.84 16.63 -2.16
N PHE C 76 17.52 16.79 -3.44
CA PHE C 76 18.32 16.18 -4.49
C PHE C 76 19.76 16.62 -4.52
N PHE C 77 19.97 17.91 -4.73
CA PHE C 77 21.32 18.40 -4.81
C PHE C 77 22.19 18.05 -3.60
N LYS C 78 21.62 18.13 -2.41
CA LYS C 78 22.40 17.82 -1.22
C LYS C 78 23.01 16.45 -1.30
N ASP C 79 22.16 15.47 -1.56
CA ASP C 79 22.55 14.09 -1.63
C ASP C 79 23.56 13.80 -2.71
N TRP C 80 23.45 14.55 -3.80
CA TRP C 80 24.33 14.39 -4.93
C TRP C 80 25.77 14.75 -4.60
N ARG C 81 25.91 15.86 -3.91
CA ARG C 81 27.23 16.32 -3.57
C ARG C 81 27.96 15.27 -2.79
N LYS C 82 27.21 14.58 -1.93
CA LYS C 82 27.75 13.51 -1.09
C LYS C 82 28.42 12.50 -1.98
N GLU C 83 27.83 12.30 -3.14
CA GLU C 83 28.34 11.35 -4.08
C GLU C 83 29.41 11.95 -4.94
N MET C 84 29.77 13.20 -4.69
CA MET C 84 30.77 13.83 -5.51
C MET C 84 32.14 13.72 -4.92
N THR C 85 33.14 13.78 -5.77
CA THR C 85 34.50 13.75 -5.27
C THR C 85 34.68 15.14 -4.67
N ASN C 86 35.68 15.28 -3.83
CA ASN C 86 35.96 16.54 -3.19
C ASN C 86 36.02 17.69 -4.14
N GLU C 87 36.81 17.54 -5.19
CA GLU C 87 36.95 18.58 -6.17
C GLU C 87 35.66 18.91 -6.88
N GLU C 88 34.81 17.92 -7.06
CA GLU C 88 33.55 18.17 -7.72
C GLU C 88 32.74 18.99 -6.76
N LYS C 89 32.79 18.64 -5.48
CA LYS C 89 32.06 19.38 -4.47
C LYS C 89 32.49 20.84 -4.49
N ASN C 90 33.72 21.09 -4.88
CA ASN C 90 34.20 22.46 -4.93
C ASN C 90 33.59 23.29 -6.06
N ILE C 91 33.37 22.67 -7.22
CA ILE C 91 32.86 23.37 -8.38
C ILE C 91 31.39 23.49 -8.54
N ILE C 92 30.68 22.39 -8.34
CA ILE C 92 29.25 22.47 -8.47
C ILE C 92 28.72 22.94 -7.14
N THR C 93 28.53 24.24 -7.02
CA THR C 93 28.05 24.79 -5.78
C THR C 93 26.54 24.78 -5.76
N ASN C 94 25.92 24.71 -6.91
CA ASN C 94 24.47 24.72 -6.96
C ASN C 94 24.01 23.92 -8.13
N LEU C 95 22.76 23.52 -8.05
CA LEU C 95 22.12 22.72 -9.08
C LEU C 95 21.72 23.54 -10.25
N SER C 96 21.40 24.79 -9.98
CA SER C 96 20.93 25.70 -11.01
C SER C 96 21.88 26.01 -12.16
N LYS C 97 23.16 25.69 -11.99
CA LYS C 97 24.12 25.94 -13.07
C LYS C 97 24.46 24.67 -13.86
N CYS C 98 23.78 23.57 -13.54
CA CYS C 98 24.01 22.29 -14.20
C CYS C 98 23.15 22.10 -15.44
N ASP C 99 23.74 21.52 -16.49
CA ASP C 99 23.02 21.28 -17.74
C ASP C 99 22.84 19.78 -17.97
N PHE C 100 21.63 19.28 -17.74
CA PHE C 100 21.30 17.86 -17.89
C PHE C 100 20.61 17.56 -19.18
N THR C 101 20.49 18.58 -20.02
CA THR C 101 19.82 18.42 -21.29
C THR C 101 20.32 17.31 -22.22
N GLN C 102 21.61 17.35 -22.60
CA GLN C 102 22.18 16.32 -23.47
C GLN C 102 21.85 15.00 -22.80
N MET C 103 21.90 15.02 -21.47
CA MET C 103 21.56 13.86 -20.70
C MET C 103 20.09 13.56 -20.91
N SER C 104 19.25 14.58 -20.76
CA SER C 104 17.82 14.39 -20.95
C SER C 104 17.54 13.88 -22.37
N GLN C 105 18.10 14.55 -23.37
CA GLN C 105 17.86 14.13 -24.73
C GLN C 105 18.23 12.69 -25.00
N TYR C 106 19.40 12.32 -24.52
CA TYR C 106 19.91 10.98 -24.71
C TYR C 106 18.94 9.89 -24.36
N PHE C 107 18.53 9.90 -23.10
CA PHE C 107 17.59 8.91 -22.59
C PHE C 107 16.27 8.86 -23.33
N LYS C 108 15.73 10.04 -23.67
CA LYS C 108 14.47 10.15 -24.41
C LYS C 108 14.62 9.36 -25.70
N ALA C 109 15.82 9.49 -26.25
CA ALA C 109 16.18 8.80 -27.47
C ALA C 109 16.01 7.32 -27.17
N GLN C 110 16.79 6.85 -26.20
CA GLN C 110 16.78 5.47 -25.75
C GLN C 110 15.37 5.00 -25.54
N THR C 111 14.54 5.93 -25.09
CA THR C 111 13.18 5.64 -24.83
C THR C 111 12.43 5.30 -26.10
N GLU C 112 12.30 6.26 -27.00
CA GLU C 112 11.58 5.98 -28.22
C GLU C 112 12.20 4.76 -28.89
N ALA C 113 13.53 4.75 -28.98
CA ALA C 113 14.25 3.62 -29.56
C ALA C 113 13.65 2.32 -29.05
N ARG C 114 13.55 2.19 -27.74
CA ARG C 114 12.93 1.00 -27.21
C ARG C 114 11.47 0.93 -27.67
N LYS C 115 10.71 2.01 -27.48
CA LYS C 115 9.30 2.03 -27.90
C LYS C 115 9.02 1.59 -29.34
N GLN C 116 10.05 1.48 -30.17
CA GLN C 116 9.90 1.11 -31.58
C GLN C 116 10.51 -0.21 -31.98
N MET C 117 11.26 -0.81 -31.07
CA MET C 117 11.97 -2.05 -31.31
C MET C 117 11.31 -3.17 -32.15
N SER C 118 12.17 -4.00 -32.78
CA SER C 118 11.74 -5.14 -33.60
C SER C 118 10.94 -6.13 -32.75
N LYS C 119 10.05 -6.89 -33.36
CA LYS C 119 9.29 -7.85 -32.57
C LYS C 119 10.20 -8.91 -31.97
N GLU C 120 11.17 -9.39 -32.75
CA GLU C 120 12.14 -10.39 -32.30
C GLU C 120 12.79 -9.89 -31.02
N GLU C 121 13.19 -8.62 -31.05
CA GLU C 121 13.79 -7.99 -29.89
C GLU C 121 12.79 -8.04 -28.75
N LYS C 122 11.53 -7.71 -29.06
CA LYS C 122 10.47 -7.74 -28.05
C LYS C 122 10.39 -9.11 -27.39
N LEU C 123 10.51 -10.17 -28.19
CA LEU C 123 10.44 -11.52 -27.66
C LEU C 123 11.70 -11.91 -26.92
N LYS C 124 12.85 -11.55 -27.46
CA LYS C 124 14.08 -11.91 -26.81
C LYS C 124 14.09 -11.46 -25.35
N ILE C 125 13.59 -10.24 -25.10
CA ILE C 125 13.60 -9.75 -23.74
C ILE C 125 12.57 -10.43 -22.88
N LYS C 126 11.55 -11.00 -23.51
CA LYS C 126 10.52 -11.70 -22.75
C LYS C 126 11.04 -13.04 -22.28
N GLU C 127 11.69 -13.72 -23.20
CA GLU C 127 12.29 -14.99 -22.91
C GLU C 127 13.31 -14.71 -21.84
N GLU C 128 13.97 -13.58 -21.98
CA GLU C 128 14.96 -13.19 -21.00
C GLU C 128 14.26 -13.05 -19.67
N ASN C 129 13.17 -12.30 -19.70
CA ASN C 129 12.41 -12.03 -18.49
C ASN C 129 11.92 -13.28 -17.87
N GLU C 130 11.30 -14.09 -18.70
CA GLU C 130 10.78 -15.35 -18.25
C GLU C 130 11.83 -16.21 -17.57
N LYS C 131 13.03 -16.21 -18.14
CA LYS C 131 14.13 -16.99 -17.60
C LYS C 131 14.46 -16.51 -16.20
N LEU C 132 14.30 -15.21 -15.98
CA LEU C 132 14.58 -14.63 -14.69
C LEU C 132 13.58 -15.20 -13.66
N LEU C 133 12.32 -15.21 -14.06
CA LEU C 133 11.28 -15.68 -13.21
C LEU C 133 11.51 -17.12 -12.79
N LYS C 134 11.86 -17.94 -13.75
CA LYS C 134 12.09 -19.33 -13.46
C LYS C 134 13.22 -19.48 -12.47
N GLU C 135 14.25 -18.65 -12.61
CA GLU C 135 15.36 -18.78 -11.71
C GLU C 135 15.24 -18.14 -10.31
N TYR C 136 14.65 -16.96 -10.21
CA TYR C 136 14.55 -16.28 -8.91
C TYR C 136 13.16 -15.97 -8.46
N GLY C 137 12.18 -16.22 -9.31
CA GLY C 137 10.79 -15.90 -8.97
C GLY C 137 10.01 -16.90 -8.17
N PHE C 138 10.66 -17.95 -7.71
CA PHE C 138 9.99 -18.97 -6.92
C PHE C 138 10.84 -19.45 -5.79
N CYS C 139 10.19 -19.98 -4.77
CA CYS C 139 10.89 -20.53 -3.63
C CYS C 139 10.16 -21.80 -3.27
N ILE C 140 10.71 -22.52 -2.30
CA ILE C 140 10.13 -23.77 -1.80
C ILE C 140 9.79 -23.58 -0.33
N MET C 141 8.52 -23.47 0.01
CA MET C 141 8.13 -23.34 1.40
C MET C 141 7.51 -24.66 1.80
N ASP C 142 8.05 -25.26 2.84
CA ASP C 142 7.51 -26.52 3.28
C ASP C 142 7.55 -27.51 2.14
N ASN C 143 6.40 -27.99 1.71
CA ASN C 143 6.39 -29.02 0.69
C ASN C 143 6.06 -28.64 -0.75
N HIS C 144 6.04 -27.35 -1.09
CA HIS C 144 5.72 -26.96 -2.47
C HIS C 144 6.50 -25.77 -3.04
N LYS C 145 6.43 -25.63 -4.37
CA LYS C 145 7.07 -24.53 -5.09
C LYS C 145 6.11 -23.34 -5.00
N GLU C 146 6.63 -22.23 -4.51
CA GLU C 146 5.79 -21.06 -4.40
C GLU C 146 6.47 -19.88 -5.02
N ARG C 147 5.65 -19.08 -5.64
CA ARG C 147 6.10 -17.90 -6.32
C ARG C 147 6.34 -16.73 -5.38
N ILE C 148 7.45 -16.04 -5.63
CA ILE C 148 7.83 -14.89 -4.87
C ILE C 148 7.26 -13.65 -5.55
N ALA C 149 6.64 -12.81 -4.73
CA ALA C 149 6.04 -11.61 -5.24
C ALA C 149 7.03 -10.66 -5.87
N ASN C 150 7.85 -10.09 -5.03
CA ASN C 150 8.81 -9.08 -5.40
C ASN C 150 10.26 -9.56 -5.30
N PHE C 151 10.77 -10.22 -6.32
CA PHE C 151 12.14 -10.71 -6.18
C PHE C 151 13.27 -9.84 -6.68
N LYS C 152 12.93 -8.76 -7.36
CA LYS C 152 13.90 -7.81 -7.89
C LYS C 152 14.16 -6.69 -6.91
N ILE C 153 15.39 -6.64 -6.42
CA ILE C 153 15.87 -5.62 -5.50
C ILE C 153 15.48 -4.21 -5.99
N GLU C 154 15.11 -3.35 -5.04
CA GLU C 154 14.76 -1.96 -5.36
C GLU C 154 16.02 -1.27 -5.89
N PRO C 155 15.96 -0.80 -7.15
CA PRO C 155 17.05 -0.10 -7.86
C PRO C 155 17.34 1.27 -7.28
N PRO C 156 18.62 1.67 -7.23
CA PRO C 156 18.91 3.00 -6.70
C PRO C 156 18.23 4.05 -7.59
N GLY C 157 17.91 5.21 -7.03
CA GLY C 157 17.26 6.28 -7.78
C GLY C 157 16.88 7.43 -6.85
N LEU C 158 15.85 8.18 -7.21
CA LEU C 158 15.41 9.30 -6.37
C LEU C 158 14.07 9.05 -5.70
N PHE C 159 14.03 9.23 -4.39
CA PHE C 159 12.82 8.99 -3.64
C PHE C 159 11.62 9.75 -4.19
N ARG C 160 10.48 9.07 -4.25
CA ARG C 160 9.23 9.63 -4.74
C ARG C 160 8.07 9.36 -3.75
N GLY C 161 7.93 10.21 -2.72
CA GLY C 161 6.84 10.00 -1.78
C GLY C 161 5.52 10.46 -2.38
N ARG C 162 4.44 10.39 -1.60
CA ARG C 162 3.14 10.87 -2.11
C ARG C 162 2.90 12.26 -1.51
N GLY C 163 2.11 13.04 -2.23
CA GLY C 163 1.76 14.39 -1.79
C GLY C 163 2.89 15.38 -1.50
N ASN C 164 2.69 16.17 -0.46
CA ASN C 164 3.73 17.10 -0.10
C ASN C 164 4.66 16.38 0.83
N HIS C 165 5.53 15.58 0.23
CA HIS C 165 6.47 14.79 0.99
C HIS C 165 7.81 15.50 1.26
N PRO C 166 8.21 15.56 2.53
CA PRO C 166 9.47 16.20 2.91
C PRO C 166 10.75 15.52 2.48
N LYS C 167 10.69 14.27 2.05
CA LYS C 167 11.92 13.64 1.64
C LYS C 167 11.97 13.44 0.15
N MET C 168 11.13 14.18 -0.57
CA MET C 168 11.09 14.09 -2.03
C MET C 168 12.42 14.46 -2.66
N GLY C 169 12.88 13.62 -3.57
CA GLY C 169 14.14 13.87 -4.25
C GLY C 169 15.38 13.21 -3.66
N MET C 170 15.32 12.76 -2.40
CA MET C 170 16.45 12.12 -1.75
C MET C 170 16.83 10.86 -2.52
N LEU C 171 18.12 10.59 -2.56
CA LEU C 171 18.64 9.46 -3.28
C LEU C 171 18.46 8.13 -2.61
N LYS C 172 18.01 7.15 -3.35
CA LYS C 172 17.93 5.82 -2.80
C LYS C 172 19.26 5.24 -3.23
N ARG C 173 20.01 4.68 -2.29
CA ARG C 173 21.31 4.07 -2.58
C ARG C 173 21.16 2.68 -3.24
N ARG C 174 22.28 2.11 -3.63
CA ARG C 174 22.28 0.78 -4.22
C ARG C 174 22.42 -0.15 -3.05
N ILE C 175 21.57 -1.18 -3.02
CA ILE C 175 21.60 -2.14 -1.94
C ILE C 175 22.64 -3.18 -2.26
N MET C 176 23.58 -3.35 -1.35
CA MET C 176 24.61 -4.36 -1.53
C MET C 176 24.19 -5.59 -0.75
N PRO C 177 24.74 -6.73 -1.10
CA PRO C 177 24.49 -8.03 -0.47
C PRO C 177 24.80 -7.90 1.02
N GLU C 178 25.71 -6.99 1.33
CA GLU C 178 26.08 -6.74 2.70
C GLU C 178 24.94 -6.02 3.44
N ASP C 179 23.90 -5.62 2.72
CA ASP C 179 22.76 -4.96 3.34
C ASP C 179 21.59 -5.91 3.54
N ILE C 180 21.62 -7.02 2.81
CA ILE C 180 20.56 -8.00 2.81
C ILE C 180 20.63 -9.04 3.91
N ILE C 181 19.45 -9.36 4.39
CA ILE C 181 19.32 -10.38 5.40
C ILE C 181 18.56 -11.50 4.72
N ILE C 182 19.05 -12.71 4.92
CA ILE C 182 18.42 -13.87 4.33
C ILE C 182 17.60 -14.63 5.37
N ASN C 183 16.37 -14.99 5.01
CA ASN C 183 15.59 -15.77 5.92
C ASN C 183 15.30 -17.09 5.22
N CYS C 184 15.68 -18.21 5.83
CA CYS C 184 15.44 -19.53 5.25
C CYS C 184 15.59 -20.62 6.31
N SER C 185 15.09 -21.82 6.01
CA SER C 185 15.20 -22.92 6.96
C SER C 185 16.64 -23.42 7.05
N LYS C 186 17.06 -23.72 8.27
CA LYS C 186 18.42 -24.17 8.54
C LYS C 186 18.95 -25.29 7.64
N ASP C 187 18.05 -26.20 7.34
CA ASP C 187 18.36 -27.35 6.52
C ASP C 187 18.32 -27.03 5.06
N ALA C 188 17.96 -25.81 4.74
CA ALA C 188 17.90 -25.47 3.35
C ALA C 188 19.26 -25.00 2.82
N LYS C 189 19.41 -25.08 1.50
CA LYS C 189 20.64 -24.64 0.84
C LYS C 189 20.59 -23.12 0.84
N VAL C 190 21.68 -22.53 1.31
CA VAL C 190 21.80 -21.10 1.40
C VAL C 190 22.20 -20.52 0.07
N PRO C 191 21.48 -19.50 -0.36
CA PRO C 191 21.86 -18.92 -1.63
C PRO C 191 23.22 -18.29 -1.41
N SER C 192 23.97 -18.29 -2.48
CA SER C 192 25.32 -17.80 -2.49
C SER C 192 25.30 -16.36 -2.88
N PRO C 193 25.92 -15.49 -2.08
CA PRO C 193 25.92 -14.08 -2.48
C PRO C 193 26.79 -13.94 -3.71
N PRO C 194 26.67 -12.82 -4.43
CA PRO C 194 27.46 -12.59 -5.62
C PRO C 194 28.93 -12.65 -5.24
N PRO C 195 29.78 -13.04 -6.20
CA PRO C 195 31.23 -13.17 -6.03
C PRO C 195 31.87 -11.90 -5.42
N GLY C 196 32.60 -12.12 -4.33
CA GLY C 196 33.28 -11.06 -3.62
C GLY C 196 32.44 -10.47 -2.52
N HIS C 197 31.29 -11.09 -2.23
CA HIS C 197 30.41 -10.56 -1.21
C HIS C 197 29.99 -11.45 -0.05
N LYS C 198 29.20 -10.89 0.86
CA LYS C 198 28.68 -11.62 2.03
C LYS C 198 27.31 -11.06 2.36
N TRP C 199 26.40 -11.90 2.87
CA TRP C 199 25.07 -11.45 3.24
C TRP C 199 25.28 -10.69 4.52
N LYS C 200 24.33 -9.84 4.88
CA LYS C 200 24.47 -9.13 6.14
C LYS C 200 24.27 -10.18 7.19
N GLU C 201 23.26 -11.01 6.98
CA GLU C 201 22.96 -12.03 7.95
C GLU C 201 22.18 -13.10 7.27
N VAL C 202 22.20 -14.25 7.89
CA VAL C 202 21.43 -15.36 7.38
C VAL C 202 20.68 -15.83 8.59
N ARG C 203 19.35 -15.73 8.56
CA ARG C 203 18.60 -16.22 9.69
C ARG C 203 17.62 -17.30 9.30
N HIS C 204 17.19 -18.05 10.29
CA HIS C 204 16.26 -19.15 10.09
C HIS C 204 15.13 -18.88 11.09
N ASP C 205 14.28 -17.93 10.77
CA ASP C 205 13.20 -17.54 11.65
C ASP C 205 11.87 -17.95 11.05
N ASN C 206 11.25 -18.99 11.59
CA ASN C 206 9.95 -19.47 11.08
C ASN C 206 8.70 -18.89 11.74
N LYS C 207 8.89 -17.76 12.40
CA LYS C 207 7.78 -17.06 13.01
C LYS C 207 7.41 -15.93 12.03
N VAL C 208 8.31 -15.61 11.09
CA VAL C 208 8.02 -14.59 10.09
C VAL C 208 7.81 -15.17 8.71
N THR C 209 7.34 -14.33 7.81
CA THR C 209 7.03 -14.79 6.45
C THR C 209 8.00 -14.40 5.34
N TRP C 210 8.80 -13.38 5.54
CA TRP C 210 9.69 -12.94 4.48
C TRP C 210 10.90 -13.81 4.21
N LEU C 211 11.49 -13.68 3.02
CA LEU C 211 12.67 -14.46 2.66
C LEU C 211 13.91 -13.59 2.62
N VAL C 212 13.70 -12.28 2.48
CA VAL C 212 14.77 -11.28 2.40
C VAL C 212 14.30 -9.93 2.92
N SER C 213 15.22 -9.17 3.49
CA SER C 213 14.88 -7.83 3.95
C SER C 213 16.13 -7.03 4.10
N TRP C 214 15.94 -5.73 4.26
CA TRP C 214 17.05 -4.80 4.45
C TRP C 214 16.36 -3.52 4.83
N THR C 215 17.13 -2.50 5.22
CA THR C 215 16.48 -1.24 5.55
C THR C 215 16.68 -0.17 4.52
N GLU C 216 15.56 0.36 4.07
CA GLU C 216 15.53 1.41 3.11
C GLU C 216 16.10 2.66 3.81
N ASN C 217 17.18 3.17 3.23
CA ASN C 217 17.92 4.33 3.72
C ASN C 217 17.21 5.68 4.07
N ILE C 218 16.29 6.14 3.22
CA ILE C 218 15.58 7.42 3.41
C ILE C 218 14.55 7.54 4.57
N GLN C 219 13.80 6.47 4.85
CA GLN C 219 12.80 6.43 5.91
C GLN C 219 13.18 5.42 6.99
N GLY C 220 14.28 4.70 6.77
CA GLY C 220 14.71 3.72 7.74
C GLY C 220 13.66 2.62 7.92
N SER C 221 12.80 2.45 6.92
CA SER C 221 11.78 1.41 6.98
C SER C 221 12.40 0.09 6.50
N ILE C 222 11.95 -1.05 7.05
CA ILE C 222 12.47 -2.37 6.64
C ILE C 222 11.71 -2.86 5.45
N LYS C 223 12.40 -3.22 4.37
CA LYS C 223 11.75 -3.73 3.16
C LYS C 223 11.86 -5.23 3.19
N TYR C 224 10.86 -5.89 2.62
CA TYR C 224 10.85 -7.35 2.60
C TYR C 224 10.48 -7.88 1.22
N ILE C 225 10.75 -9.15 1.03
CA ILE C 225 10.35 -9.80 -0.19
C ILE C 225 9.54 -10.95 0.34
N MET C 226 8.28 -11.01 -0.05
CA MET C 226 7.41 -12.06 0.39
C MET C 226 6.79 -12.72 -0.81
N LEU C 227 5.97 -13.73 -0.59
CA LEU C 227 5.37 -14.45 -1.69
C LEU C 227 4.16 -13.83 -2.31
N ASN C 228 3.74 -14.49 -3.38
CA ASN C 228 2.59 -14.14 -4.20
C ASN C 228 1.27 -14.28 -3.43
N PRO C 229 0.27 -13.48 -3.80
CA PRO C 229 -1.04 -13.54 -3.15
C PRO C 229 -1.59 -14.94 -3.21
N SER C 230 -1.25 -15.64 -4.27
CA SER C 230 -1.66 -17.01 -4.49
C SER C 230 -1.07 -17.95 -3.44
N SER C 231 -0.15 -17.46 -2.65
CA SER C 231 0.45 -18.30 -1.62
C SER C 231 -0.54 -18.86 -0.63
N ARG C 232 -0.12 -19.90 0.05
CA ARG C 232 -0.97 -20.47 1.03
C ARG C 232 -0.83 -19.52 2.17
N ILE C 233 0.41 -19.16 2.43
CA ILE C 233 0.74 -18.28 3.53
C ILE C 233 0.03 -16.93 3.37
N LYS C 234 -0.24 -16.54 2.13
CA LYS C 234 -0.93 -15.29 1.92
C LYS C 234 -2.42 -15.51 1.95
N GLY C 235 -2.85 -16.45 1.12
CA GLY C 235 -4.25 -16.73 1.02
C GLY C 235 -4.84 -17.18 2.31
N GLU C 236 -4.05 -17.72 3.21
CA GLU C 236 -4.62 -18.19 4.45
C GLU C 236 -4.96 -16.99 5.35
N LYS C 237 -4.03 -16.04 5.42
CA LYS C 237 -4.21 -14.85 6.24
C LYS C 237 -5.41 -14.04 5.77
N ASP C 238 -5.62 -14.03 4.47
CA ASP C 238 -6.70 -13.26 3.89
C ASP C 238 -8.05 -13.89 4.18
N TRP C 239 -8.09 -15.21 4.12
CA TRP C 239 -9.30 -15.98 4.38
C TRP C 239 -9.68 -15.71 5.81
N GLN C 240 -8.66 -15.61 6.64
CA GLN C 240 -8.85 -15.35 8.03
C GLN C 240 -9.27 -13.94 8.25
N LYS C 241 -8.77 -13.06 7.39
CA LYS C 241 -9.12 -11.66 7.46
C LYS C 241 -10.62 -11.55 7.27
N TYR C 242 -11.15 -12.12 6.19
CA TYR C 242 -12.59 -12.03 5.98
C TYR C 242 -13.37 -12.75 7.10
N GLU C 243 -12.86 -13.88 7.55
CA GLU C 243 -13.51 -14.63 8.61
C GLU C 243 -13.80 -13.72 9.80
N THR C 244 -12.80 -12.98 10.20
CA THR C 244 -12.94 -12.06 11.31
C THR C 244 -14.04 -11.00 11.14
N ALA C 245 -14.11 -10.42 9.94
CA ALA C 245 -15.08 -9.40 9.61
C ALA C 245 -16.52 -9.88 9.69
N ARG C 246 -16.71 -11.18 9.48
CA ARG C 246 -18.04 -11.80 9.55
C ARG C 246 -18.35 -11.94 11.04
N ARG C 247 -17.31 -12.12 11.85
CA ARG C 247 -17.55 -12.22 13.26
C ARG C 247 -18.02 -10.88 13.76
N LEU C 248 -17.53 -9.83 13.14
CA LEU C 248 -17.95 -8.51 13.50
C LEU C 248 -19.41 -8.39 13.10
N LYS C 249 -19.72 -8.87 11.90
CA LYS C 249 -21.08 -8.79 11.42
C LYS C 249 -21.99 -9.26 12.54
N LYS C 250 -21.59 -10.38 13.13
CA LYS C 250 -22.34 -11.00 14.18
C LYS C 250 -22.43 -10.26 15.49
N CYS C 251 -21.68 -9.19 15.68
CA CYS C 251 -21.80 -8.48 16.96
C CYS C 251 -21.71 -6.98 16.76
N VAL C 252 -21.89 -6.57 15.52
CA VAL C 252 -21.83 -5.18 15.18
C VAL C 252 -22.93 -4.42 15.89
N ASP C 253 -24.18 -4.79 15.68
CA ASP C 253 -25.27 -4.07 16.33
C ASP C 253 -25.08 -3.96 17.84
N LYS C 254 -24.30 -4.84 18.43
CA LYS C 254 -24.08 -4.78 19.87
C LYS C 254 -23.10 -3.69 20.20
N ILE C 255 -22.00 -3.73 19.46
CA ILE C 255 -20.93 -2.79 19.63
C ILE C 255 -21.55 -1.39 19.44
N ARG C 256 -22.35 -1.28 18.39
CA ARG C 256 -23.00 -0.04 18.04
C ARG C 256 -23.79 0.53 19.20
N ASN C 257 -24.63 -0.32 19.79
CA ASN C 257 -25.46 0.09 20.90
C ASN C 257 -24.62 0.63 22.04
N GLN C 258 -23.47 0.00 22.22
CA GLN C 258 -22.56 0.38 23.27
C GLN C 258 -22.00 1.78 23.06
N TYR C 259 -21.40 1.99 21.90
CA TYR C 259 -20.81 3.28 21.64
C TYR C 259 -21.88 4.35 21.70
N ARG C 260 -23.04 4.10 21.13
CA ARG C 260 -24.08 5.11 21.20
C ARG C 260 -24.27 5.47 22.66
N GLU C 261 -24.22 4.47 23.51
CA GLU C 261 -24.36 4.72 24.95
C GLU C 261 -23.17 5.50 25.50
N ASP C 262 -21.96 5.13 25.08
CA ASP C 262 -20.78 5.81 25.56
C ASP C 262 -20.76 7.27 25.25
N TRP C 263 -21.43 7.66 24.16
CA TRP C 263 -21.45 9.07 23.79
C TRP C 263 -21.94 9.86 24.98
N LYS C 264 -22.71 9.17 25.81
CA LYS C 264 -23.30 9.72 27.02
C LYS C 264 -22.35 9.73 28.23
N SER C 265 -21.28 8.93 28.17
CA SER C 265 -20.30 8.78 29.26
C SER C 265 -19.84 10.01 30.04
N LYS C 266 -19.38 9.73 31.25
CA LYS C 266 -18.87 10.77 32.13
C LYS C 266 -17.44 11.14 31.73
N GLU C 267 -16.62 10.10 31.66
CA GLU C 267 -15.23 10.22 31.29
C GLU C 267 -15.23 10.58 29.80
N MET C 268 -14.72 11.76 29.47
CA MET C 268 -14.66 12.25 28.09
C MET C 268 -13.87 11.34 27.13
N LYS C 269 -12.85 10.69 27.68
CA LYS C 269 -12.02 9.76 26.95
C LYS C 269 -12.96 8.72 26.30
N VAL C 270 -13.84 8.16 27.12
CA VAL C 270 -14.81 7.18 26.67
C VAL C 270 -15.67 7.78 25.55
N ARG C 271 -15.89 9.08 25.63
CA ARG C 271 -16.70 9.74 24.63
C ARG C 271 -15.93 9.87 23.31
N GLN C 272 -14.70 10.35 23.40
CA GLN C 272 -13.88 10.54 22.19
C GLN C 272 -13.74 9.22 21.48
N ARG C 273 -13.49 8.20 22.28
CA ARG C 273 -13.35 6.86 21.79
C ARG C 273 -14.61 6.51 21.00
N ALA C 274 -15.75 6.62 21.67
CA ALA C 274 -17.01 6.26 21.07
C ALA C 274 -17.38 7.01 19.77
N VAL C 275 -17.08 8.29 19.74
CA VAL C 275 -17.39 9.09 18.57
C VAL C 275 -16.49 8.65 17.47
N ALA C 276 -15.23 8.48 17.85
CA ALA C 276 -14.25 8.04 16.90
C ALA C 276 -14.80 6.77 16.25
N LEU C 277 -15.20 5.79 17.06
CA LEU C 277 -15.70 4.54 16.51
C LEU C 277 -16.95 4.69 15.67
N TYR C 278 -17.73 5.70 16.02
CA TYR C 278 -18.93 5.98 15.28
C TYR C 278 -18.49 6.19 13.84
N PHE C 279 -17.51 7.08 13.67
CA PHE C 279 -16.96 7.43 12.36
C PHE C 279 -16.40 6.28 11.63
N ILE C 280 -15.55 5.54 12.32
CA ILE C 280 -14.95 4.37 11.72
C ILE C 280 -16.07 3.48 11.25
N ASP C 281 -16.97 3.15 12.15
CA ASP C 281 -18.10 2.31 11.81
C ASP C 281 -18.89 2.94 10.65
N LYS C 282 -19.34 4.19 10.80
CA LYS C 282 -20.18 4.80 9.77
C LYS C 282 -19.59 5.29 8.50
N LEU C 283 -18.38 5.82 8.58
CA LEU C 283 -17.73 6.42 7.41
C LEU C 283 -16.60 5.63 6.86
N ALA C 284 -16.16 4.63 7.62
CA ALA C 284 -15.05 3.78 7.21
C ALA C 284 -13.72 4.51 7.37
N LEU C 285 -13.59 5.29 8.43
CA LEU C 285 -12.36 6.03 8.64
C LEU C 285 -11.24 5.15 9.17
N ARG C 286 -10.04 5.40 8.71
CA ARG C 286 -8.88 4.63 9.12
C ARG C 286 -8.51 4.96 10.55
N ALA C 287 -7.67 4.11 11.12
CA ALA C 287 -7.21 4.24 12.47
C ALA C 287 -6.77 5.67 12.73
N GLY C 288 -5.86 6.14 11.90
CA GLY C 288 -5.34 7.48 12.07
C GLY C 288 -4.28 7.49 13.15
N ASN C 289 -3.25 6.66 12.98
CA ASN C 289 -2.12 6.52 13.91
C ASN C 289 -1.31 7.79 13.97
N GLU C 290 -0.56 7.99 15.04
CA GLU C 290 0.25 9.17 15.13
C GLU C 290 1.53 8.97 14.32
N LYS C 291 1.68 9.77 13.27
CA LYS C 291 2.83 9.77 12.36
C LYS C 291 4.03 10.54 12.93
N GLU C 292 5.24 10.13 12.57
CA GLU C 292 6.41 10.85 13.06
C GLU C 292 6.58 12.15 12.28
N GLU C 293 6.72 13.26 12.99
CA GLU C 293 6.89 14.54 12.32
C GLU C 293 8.10 14.60 11.37
N GLY C 294 7.94 15.37 10.30
CA GLY C 294 8.98 15.53 9.30
C GLY C 294 9.34 14.31 8.48
N GLU C 295 8.68 13.19 8.73
CA GLU C 295 9.03 11.99 7.99
C GLU C 295 8.24 11.80 6.74
N THR C 296 6.94 12.05 6.83
CA THR C 296 6.01 11.90 5.71
C THR C 296 5.26 13.20 5.45
N ALA C 297 4.30 13.14 4.53
CA ALA C 297 3.45 14.27 4.21
C ALA C 297 2.38 14.31 5.31
N ASP C 298 1.74 15.47 5.47
CA ASP C 298 0.70 15.65 6.47
C ASP C 298 -0.62 14.97 6.07
N THR C 299 -0.87 13.78 6.57
CA THR C 299 -2.12 13.09 6.28
C THR C 299 -2.62 12.62 7.61
N VAL C 300 -3.94 12.59 7.84
CA VAL C 300 -4.50 12.16 9.14
C VAL C 300 -5.52 11.08 8.98
N GLY C 301 -5.88 10.46 10.11
CA GLY C 301 -6.85 9.40 10.13
C GLY C 301 -7.85 9.71 11.22
N CYS C 302 -8.71 8.74 11.57
CA CYS C 302 -9.71 9.02 12.59
C CYS C 302 -9.20 9.49 13.93
N CYS C 303 -8.30 8.74 14.53
CA CYS C 303 -7.77 9.13 15.84
C CYS C 303 -6.85 10.35 15.78
N SER C 304 -6.37 10.69 14.59
CA SER C 304 -5.44 11.81 14.44
C SER C 304 -6.03 13.07 13.82
N LEU C 305 -7.34 13.15 13.77
CA LEU C 305 -7.93 14.33 13.18
C LEU C 305 -7.66 15.58 14.04
N ARG C 306 -7.23 16.65 13.39
CA ARG C 306 -7.02 17.90 14.10
C ARG C 306 -8.33 18.62 13.91
N VAL C 307 -8.71 19.41 14.91
CA VAL C 307 -9.99 20.10 14.88
C VAL C 307 -10.29 20.81 13.59
N GLU C 308 -9.25 21.23 12.88
CA GLU C 308 -9.38 21.95 11.61
C GLU C 308 -9.82 21.07 10.45
N HIS C 309 -10.01 19.78 10.70
CA HIS C 309 -10.41 18.85 9.67
C HIS C 309 -11.88 18.67 9.53
N ILE C 310 -12.60 19.15 10.52
CA ILE C 310 -14.03 19.03 10.49
C ILE C 310 -14.62 20.42 10.69
N ASN C 311 -15.79 20.66 10.10
CA ASN C 311 -16.45 21.94 10.28
C ASN C 311 -17.89 21.59 10.67
N LEU C 312 -18.32 22.06 11.83
CA LEU C 312 -19.67 21.80 12.34
C LEU C 312 -20.75 22.79 11.87
N HIS C 313 -21.84 22.23 11.34
CA HIS C 313 -22.99 22.99 10.83
C HIS C 313 -24.26 22.52 11.50
N PRO C 314 -24.80 23.33 12.44
CA PRO C 314 -26.02 23.02 13.18
C PRO C 314 -27.08 22.59 12.18
N GLU C 315 -26.96 23.19 11.01
CA GLU C 315 -27.86 22.89 9.93
C GLU C 315 -27.21 23.34 8.63
N LEU C 316 -27.59 22.70 7.54
CA LEU C 316 -27.05 23.00 6.22
C LEU C 316 -27.81 22.23 5.16
N ASP C 317 -28.12 22.95 4.09
CA ASP C 317 -28.80 22.46 2.89
C ASP C 317 -29.99 21.49 3.11
N GLY C 318 -30.74 21.74 4.18
CA GLY C 318 -31.89 20.91 4.48
C GLY C 318 -31.73 20.06 5.72
N GLN C 319 -30.54 19.51 5.89
CA GLN C 319 -30.29 18.65 7.03
C GLN C 319 -29.74 19.43 8.19
N GLU C 320 -29.87 18.85 9.37
CA GLU C 320 -29.39 19.45 10.59
C GLU C 320 -28.24 18.60 11.14
N TYR C 321 -27.40 19.17 12.00
CA TYR C 321 -26.27 18.44 12.60
C TYR C 321 -25.33 17.79 11.56
N VAL C 322 -24.85 18.62 10.64
CA VAL C 322 -23.95 18.21 9.59
C VAL C 322 -22.50 18.50 9.95
N VAL C 323 -21.66 17.47 9.72
CA VAL C 323 -20.22 17.54 9.98
C VAL C 323 -19.57 17.59 8.61
N GLU C 324 -18.75 18.60 8.41
CA GLU C 324 -18.09 18.69 7.16
C GLU C 324 -16.65 18.29 7.40
N PHE C 325 -16.24 17.21 6.72
CA PHE C 325 -14.89 16.67 6.80
C PHE C 325 -14.09 17.11 5.59
N ASP C 326 -12.82 17.38 5.79
CA ASP C 326 -11.96 17.75 4.69
C ASP C 326 -10.49 17.57 5.06
N PHE C 327 -9.92 16.42 4.72
CA PHE C 327 -8.50 16.17 5.07
C PHE C 327 -7.88 15.21 4.08
N LEU C 328 -6.58 15.02 4.23
CA LEU C 328 -5.83 14.12 3.36
C LEU C 328 -5.54 12.85 4.08
N GLY C 329 -5.88 11.74 3.46
CA GLY C 329 -5.65 10.46 4.10
C GLY C 329 -4.45 9.74 3.55
N LYS C 330 -4.38 8.44 3.82
CA LYS C 330 -3.30 7.60 3.35
C LYS C 330 -3.04 7.91 1.90
N ASP C 331 -1.77 7.95 1.53
CA ASP C 331 -1.40 8.29 0.16
C ASP C 331 -1.87 9.69 -0.19
N SER C 332 -2.15 10.46 0.83
CA SER C 332 -2.62 11.81 0.65
C SER C 332 -3.87 11.92 -0.16
N ILE C 333 -4.71 10.89 -0.12
CA ILE C 333 -5.97 10.96 -0.84
C ILE C 333 -6.94 11.80 0.01
N ARG C 334 -7.50 12.84 -0.62
CA ARG C 334 -8.43 13.76 0.03
C ARG C 334 -9.75 13.23 0.47
N TYR C 335 -10.10 13.56 1.69
CA TYR C 335 -11.35 13.15 2.18
C TYR C 335 -12.21 14.32 2.51
N TYR C 336 -13.29 14.42 1.76
CA TYR C 336 -14.25 15.48 1.91
C TYR C 336 -15.67 14.94 1.99
N ASN C 337 -16.41 15.31 3.03
CA ASN C 337 -17.76 14.81 3.16
C ASN C 337 -18.61 15.55 4.21
N LYS C 338 -19.80 15.97 3.80
CA LYS C 338 -20.72 16.62 4.70
C LYS C 338 -21.65 15.55 5.28
N VAL C 339 -21.54 15.34 6.58
CA VAL C 339 -22.28 14.28 7.20
C VAL C 339 -23.17 14.63 8.36
N PRO C 340 -24.46 14.31 8.20
CA PRO C 340 -25.49 14.55 9.22
C PRO C 340 -25.22 13.47 10.24
N VAL C 341 -24.89 13.88 11.45
CA VAL C 341 -24.63 12.88 12.44
C VAL C 341 -25.71 12.90 13.51
N GLU C 342 -25.54 12.04 14.51
CA GLU C 342 -26.47 12.00 15.63
C GLU C 342 -26.31 13.30 16.40
N LYS C 343 -27.42 13.88 16.78
CA LYS C 343 -27.40 15.13 17.53
C LYS C 343 -26.38 15.01 18.67
N ARG C 344 -26.38 13.86 19.32
CA ARG C 344 -25.44 13.63 20.42
C ARG C 344 -23.98 13.79 19.96
N VAL C 345 -23.64 13.13 18.85
CA VAL C 345 -22.29 13.18 18.29
C VAL C 345 -21.91 14.65 18.08
N PHE C 346 -22.75 15.29 17.31
CA PHE C 346 -22.58 16.67 16.96
C PHE C 346 -22.24 17.51 18.20
N LYS C 347 -23.05 17.32 19.24
CA LYS C 347 -22.87 18.03 20.48
C LYS C 347 -21.53 17.71 21.10
N ASN C 348 -21.11 16.47 20.97
CA ASN C 348 -19.84 16.11 21.53
C ASN C 348 -18.70 16.78 20.78
N LEU C 349 -18.83 16.86 19.46
CA LEU C 349 -17.82 17.48 18.66
C LEU C 349 -17.60 18.94 18.99
N GLN C 350 -18.67 19.68 19.26
CA GLN C 350 -18.53 21.10 19.58
C GLN C 350 -17.69 21.18 20.81
N LEU C 351 -18.01 20.30 21.72
CA LEU C 351 -17.29 20.22 22.96
C LEU C 351 -15.85 19.84 22.67
N PHE C 352 -15.62 18.80 21.86
CA PHE C 352 -14.23 18.42 21.59
C PHE C 352 -13.54 19.59 20.89
N MET C 353 -14.30 20.38 20.15
CA MET C 353 -13.75 21.49 19.40
C MET C 353 -13.58 22.84 20.07
N GLU C 354 -13.92 22.94 21.34
CA GLU C 354 -13.81 24.23 21.98
C GLU C 354 -12.51 24.48 22.71
N ASN C 355 -12.17 25.75 22.80
CA ASN C 355 -10.97 26.18 23.49
C ASN C 355 -9.73 25.69 22.82
N LYS C 356 -9.82 25.30 21.57
CA LYS C 356 -8.62 24.80 20.93
C LYS C 356 -8.26 25.58 19.70
N GLN C 357 -7.03 25.32 19.25
CA GLN C 357 -6.48 25.91 18.03
C GLN C 357 -6.66 24.86 16.95
N PRO C 358 -6.88 25.32 15.69
CA PRO C 358 -7.10 24.54 14.46
C PRO C 358 -6.20 23.35 14.32
N GLU C 359 -5.01 23.49 14.83
CA GLU C 359 -4.01 22.45 14.74
C GLU C 359 -4.16 21.43 15.86
N ASP C 360 -4.90 21.77 16.90
CA ASP C 360 -5.04 20.81 17.98
C ASP C 360 -5.74 19.53 17.54
N ASP C 361 -5.51 18.45 18.29
CA ASP C 361 -6.11 17.15 18.00
C ASP C 361 -7.54 17.07 18.50
N LEU C 362 -8.44 16.84 17.57
CA LEU C 362 -9.84 16.72 17.91
C LEU C 362 -10.03 15.75 19.05
N PHE C 363 -9.59 14.52 18.85
CA PHE C 363 -9.74 13.50 19.87
C PHE C 363 -8.49 13.39 20.67
N ASP C 364 -8.04 14.51 21.24
CA ASP C 364 -6.87 14.44 22.13
C ASP C 364 -7.36 13.42 23.18
N ARG C 365 -6.55 13.05 24.16
CA ARG C 365 -7.03 12.03 25.12
C ARG C 365 -7.47 10.73 24.39
N LEU C 366 -6.97 10.47 23.18
CA LEU C 366 -7.35 9.25 22.47
C LEU C 366 -6.30 8.87 21.43
N ASN C 367 -6.07 7.58 21.26
CA ASN C 367 -5.14 7.09 20.25
C ASN C 367 -5.54 5.73 19.79
N THR C 368 -4.94 5.32 18.71
CA THR C 368 -5.26 4.05 18.12
C THR C 368 -5.09 2.90 19.09
N GLY C 369 -4.04 2.96 19.89
CA GLY C 369 -3.81 1.90 20.84
C GLY C 369 -4.99 1.79 21.80
N ILE C 370 -5.34 2.90 22.40
CA ILE C 370 -6.46 2.96 23.33
C ILE C 370 -7.69 2.39 22.64
N LEU C 371 -7.93 2.87 21.43
CA LEU C 371 -9.07 2.42 20.69
C LEU C 371 -9.14 0.91 20.50
N ASN C 372 -8.13 0.37 19.83
CA ASN C 372 -8.04 -1.04 19.53
C ASN C 372 -8.08 -1.96 20.75
N LYS C 373 -7.55 -1.44 21.85
CA LYS C 373 -7.53 -2.15 23.12
C LYS C 373 -8.98 -2.49 23.46
N HIS C 374 -9.80 -1.45 23.46
CA HIS C 374 -11.20 -1.60 23.76
C HIS C 374 -11.91 -2.53 22.77
N LEU C 375 -11.55 -2.39 21.51
CA LEU C 375 -12.15 -3.20 20.49
C LEU C 375 -11.90 -4.68 20.69
N GLN C 376 -10.66 -5.05 20.97
CA GLN C 376 -10.35 -6.45 21.15
C GLN C 376 -11.17 -7.00 22.31
N ASP C 377 -11.31 -6.18 23.35
CA ASP C 377 -12.11 -6.59 24.48
C ASP C 377 -13.49 -6.96 24.01
N LEU C 378 -14.08 -6.09 23.19
CA LEU C 378 -15.41 -6.34 22.63
C LEU C 378 -15.39 -7.58 21.78
N MET C 379 -14.33 -7.77 20.99
CA MET C 379 -14.25 -8.94 20.15
C MET C 379 -12.81 -9.31 19.99
N GLU C 380 -12.50 -10.58 20.24
CA GLU C 380 -11.14 -11.05 20.12
C GLU C 380 -10.66 -10.73 18.71
N GLY C 381 -9.50 -10.09 18.67
CA GLY C 381 -8.88 -9.73 17.41
C GLY C 381 -9.63 -8.69 16.61
N LEU C 382 -10.29 -7.78 17.28
CA LEU C 382 -11.03 -6.73 16.59
C LEU C 382 -10.22 -5.40 16.53
N THR C 383 -9.95 -4.90 15.31
CA THR C 383 -9.24 -3.63 15.11
C THR C 383 -10.01 -2.73 14.19
N ALA C 384 -9.68 -1.46 14.22
CA ALA C 384 -10.34 -0.49 13.40
C ALA C 384 -10.43 -0.93 11.96
N LYS C 385 -9.38 -1.55 11.46
CA LYS C 385 -9.37 -1.97 10.09
C LYS C 385 -10.43 -3.01 9.73
N VAL C 386 -10.79 -3.84 10.70
CA VAL C 386 -11.79 -4.88 10.43
C VAL C 386 -13.10 -4.27 9.93
N PHE C 387 -13.41 -3.11 10.53
CA PHE C 387 -14.59 -2.36 10.19
C PHE C 387 -14.69 -2.09 8.67
N ARG C 388 -13.59 -1.61 8.08
CA ARG C 388 -13.53 -1.35 6.64
C ARG C 388 -13.85 -2.57 5.78
N THR C 389 -13.35 -3.73 6.19
CA THR C 389 -13.58 -4.94 5.42
C THR C 389 -15.02 -5.32 5.54
N TYR C 390 -15.47 -5.37 6.78
CA TYR C 390 -16.83 -5.71 7.07
C TYR C 390 -17.82 -4.91 6.24
N ASN C 391 -17.62 -3.61 6.25
CA ASN C 391 -18.48 -2.66 5.53
C ASN C 391 -18.49 -2.87 4.02
N ALA C 392 -17.29 -2.90 3.44
CA ALA C 392 -17.14 -3.08 2.02
C ALA C 392 -17.91 -4.32 1.64
N SER C 393 -17.44 -5.46 2.15
CA SER C 393 -18.04 -6.76 1.89
C SER C 393 -19.55 -6.84 2.12
N ILE C 394 -20.00 -6.27 3.23
CA ILE C 394 -21.41 -6.31 3.51
C ILE C 394 -22.18 -5.42 2.55
N THR C 395 -21.56 -4.30 2.19
CA THR C 395 -22.17 -3.38 1.25
C THR C 395 -22.31 -4.09 -0.07
N LEU C 396 -21.27 -4.79 -0.48
CA LEU C 396 -21.31 -5.51 -1.73
C LEU C 396 -22.46 -6.50 -1.69
N GLN C 397 -22.61 -7.20 -0.58
CA GLN C 397 -23.66 -8.21 -0.52
C GLN C 397 -25.07 -7.69 -0.79
N GLN C 398 -25.52 -6.68 -0.05
CA GLN C 398 -26.87 -6.17 -0.29
C GLN C 398 -27.06 -5.51 -1.62
N GLN C 399 -26.10 -4.71 -1.99
CA GLN C 399 -26.14 -4.01 -3.26
C GLN C 399 -26.40 -4.96 -4.38
N LEU C 400 -25.57 -5.98 -4.48
CA LEU C 400 -25.77 -6.97 -5.53
C LEU C 400 -27.14 -7.58 -5.34
N LYS C 401 -27.52 -7.83 -4.09
CA LYS C 401 -28.83 -8.41 -3.80
C LYS C 401 -29.94 -7.61 -4.46
N GLU C 402 -30.08 -6.37 -4.04
CA GLU C 402 -31.13 -5.54 -4.59
C GLU C 402 -30.92 -5.18 -6.04
N LEU C 403 -29.70 -5.27 -6.53
CA LEU C 403 -29.47 -4.91 -7.91
C LEU C 403 -29.52 -6.02 -8.88
N THR C 404 -29.35 -7.26 -8.41
CA THR C 404 -29.31 -8.34 -9.38
C THR C 404 -30.63 -8.76 -10.03
N ALA C 405 -30.58 -8.58 -11.35
CA ALA C 405 -31.63 -8.79 -12.32
C ALA C 405 -31.82 -10.18 -12.90
N PRO C 406 -32.83 -10.90 -12.44
CA PRO C 406 -33.14 -12.26 -12.92
C PRO C 406 -33.43 -12.23 -14.42
N ASP C 407 -34.31 -11.34 -14.83
CA ASP C 407 -34.60 -11.29 -16.23
C ASP C 407 -33.51 -10.49 -16.97
N GLU C 408 -32.26 -10.65 -16.50
CA GLU C 408 -31.15 -9.94 -17.12
C GLU C 408 -30.09 -10.81 -17.82
N ASN C 409 -29.49 -10.21 -18.85
CA ASN C 409 -28.45 -10.84 -19.66
C ASN C 409 -27.16 -10.84 -18.88
N ILE C 410 -26.23 -11.71 -19.24
CA ILE C 410 -24.96 -11.72 -18.55
C ILE C 410 -24.35 -10.32 -18.58
N PRO C 411 -24.30 -9.68 -19.77
CA PRO C 411 -23.74 -8.34 -19.93
C PRO C 411 -24.36 -7.38 -18.94
N ALA C 412 -25.67 -7.50 -18.82
CA ALA C 412 -26.40 -6.68 -17.89
C ALA C 412 -26.00 -6.97 -16.41
N LYS C 413 -25.94 -8.25 -16.04
CA LYS C 413 -25.62 -8.67 -14.68
C LYS C 413 -24.24 -8.21 -14.22
N ILE C 414 -23.35 -8.08 -15.19
CA ILE C 414 -22.02 -7.67 -14.90
C ILE C 414 -22.01 -6.24 -14.44
N LEU C 415 -22.84 -5.41 -15.07
CA LEU C 415 -22.92 -4.02 -14.69
C LEU C 415 -23.50 -3.93 -13.30
N SER C 416 -24.56 -4.70 -13.06
CA SER C 416 -25.15 -4.67 -11.75
C SER C 416 -24.00 -4.90 -10.79
N TYR C 417 -23.17 -5.89 -11.12
CA TYR C 417 -22.03 -6.23 -10.31
C TYR C 417 -21.10 -5.06 -10.12
N ASN C 418 -20.83 -4.37 -11.21
CA ASN C 418 -19.92 -3.26 -11.14
C ASN C 418 -20.47 -2.05 -10.42
N ARG C 419 -21.77 -1.87 -10.44
CA ARG C 419 -22.35 -0.75 -9.72
C ARG C 419 -22.19 -1.04 -8.23
N ALA C 420 -22.54 -2.27 -7.84
CA ALA C 420 -22.44 -2.73 -6.46
C ALA C 420 -21.02 -2.47 -5.98
N ASN C 421 -20.09 -2.54 -6.93
CA ASN C 421 -18.72 -2.32 -6.60
C ASN C 421 -18.45 -0.86 -6.34
N ARG C 422 -18.99 0.01 -7.20
CA ARG C 422 -18.79 1.44 -7.04
C ARG C 422 -19.20 1.90 -5.68
N ALA C 423 -20.32 1.38 -5.21
CA ALA C 423 -20.82 1.71 -3.91
C ALA C 423 -19.75 1.43 -2.85
N VAL C 424 -19.01 0.36 -3.04
CA VAL C 424 -18.00 0.00 -2.09
C VAL C 424 -16.81 0.93 -2.22
N ALA C 425 -16.34 1.05 -3.44
CA ALA C 425 -15.20 1.89 -3.75
C ALA C 425 -15.44 3.29 -3.23
N ILE C 426 -16.71 3.66 -3.34
CA ILE C 426 -17.13 4.94 -2.91
C ILE C 426 -16.92 5.06 -1.41
N LEU C 427 -17.36 4.06 -0.64
CA LEU C 427 -17.22 4.17 0.80
C LEU C 427 -15.80 4.06 1.23
N CYS C 428 -15.02 3.27 0.52
CA CYS C 428 -13.63 3.13 0.90
C CYS C 428 -12.81 4.32 0.46
N ASN C 429 -13.39 5.15 -0.42
CA ASN C 429 -12.77 6.36 -0.96
C ASN C 429 -11.59 6.04 -1.87
N HIS C 430 -11.67 4.94 -2.60
CA HIS C 430 -10.55 4.63 -3.47
C HIS C 430 -10.64 5.50 -4.71
N GLN C 431 -9.53 6.16 -4.98
CA GLN C 431 -9.44 7.05 -6.10
C GLN C 431 -8.12 6.74 -6.80
N ILE C 512 -12.68 7.74 -9.22
CA ILE C 512 -13.09 6.44 -8.58
C ILE C 512 -12.45 5.19 -9.20
N ALA C 513 -11.99 4.29 -8.34
CA ALA C 513 -11.31 3.07 -8.77
C ALA C 513 -11.85 1.87 -8.00
N LEU C 514 -12.30 0.86 -8.73
CA LEU C 514 -12.85 -0.32 -8.06
C LEU C 514 -11.76 -1.35 -7.71
N GLY C 515 -10.56 -1.15 -8.25
CA GLY C 515 -9.46 -2.06 -8.00
C GLY C 515 -9.15 -2.49 -6.57
N THR C 516 -8.79 -1.55 -5.73
CA THR C 516 -8.41 -1.83 -4.34
C THR C 516 -9.39 -2.63 -3.53
N SER C 517 -10.65 -2.22 -3.59
CA SER C 517 -11.65 -2.90 -2.84
C SER C 517 -11.89 -4.28 -3.44
N LYS C 518 -11.96 -4.36 -4.76
CA LYS C 518 -12.19 -5.65 -5.41
C LYS C 518 -11.09 -6.56 -4.99
N LEU C 519 -9.88 -6.05 -5.08
CA LEU C 519 -8.70 -6.79 -4.72
C LEU C 519 -8.45 -6.99 -3.22
N ASN C 520 -8.80 -6.03 -2.36
CA ASN C 520 -8.49 -6.22 -0.96
C ASN C 520 -9.57 -6.12 0.08
N PHE C 521 -10.76 -5.71 -0.31
CA PHE C 521 -11.82 -5.56 0.68
C PHE C 521 -13.00 -6.52 0.61
N LEU C 522 -13.25 -7.03 -0.58
CA LEU C 522 -14.36 -7.90 -0.80
C LEU C 522 -14.09 -9.36 -0.74
N ASP C 523 -14.76 -9.97 0.23
CA ASP C 523 -14.69 -11.38 0.47
C ASP C 523 -15.08 -11.93 -0.88
N PRO C 524 -14.14 -12.60 -1.56
CA PRO C 524 -14.35 -13.20 -2.89
C PRO C 524 -15.42 -14.27 -2.97
N ARG C 525 -15.70 -14.89 -1.84
CA ARG C 525 -16.68 -15.95 -1.78
C ARG C 525 -18.05 -15.37 -2.16
N ILE C 526 -18.20 -14.09 -1.85
CA ILE C 526 -19.42 -13.37 -2.15
C ILE C 526 -19.57 -13.30 -3.64
N THR C 527 -18.47 -13.06 -4.33
CA THR C 527 -18.57 -12.96 -5.76
C THR C 527 -18.73 -14.32 -6.40
N VAL C 528 -18.13 -15.32 -5.78
CA VAL C 528 -18.22 -16.67 -6.28
C VAL C 528 -19.67 -17.16 -6.12
N ALA C 529 -20.31 -16.88 -4.99
CA ALA C 529 -21.70 -17.28 -4.79
C ALA C 529 -22.56 -16.68 -5.89
N TRP C 530 -22.44 -15.37 -6.04
CA TRP C 530 -23.17 -14.59 -7.03
C TRP C 530 -23.03 -15.15 -8.44
N CYS C 531 -21.79 -15.33 -8.89
CA CYS C 531 -21.56 -15.86 -10.21
C CYS C 531 -22.28 -17.16 -10.40
N LYS C 532 -22.24 -17.96 -9.35
CA LYS C 532 -22.88 -19.24 -9.38
C LYS C 532 -24.38 -19.04 -9.43
N LYS C 533 -24.89 -18.24 -8.49
CA LYS C 533 -26.32 -17.95 -8.42
C LYS C 533 -26.82 -17.48 -9.75
N TRP C 534 -26.18 -16.47 -10.30
CA TRP C 534 -26.64 -15.98 -11.57
C TRP C 534 -26.07 -16.66 -12.78
N GLY C 535 -25.51 -17.85 -12.62
CA GLY C 535 -24.95 -18.55 -13.76
C GLY C 535 -24.07 -17.66 -14.63
N VAL C 536 -23.19 -16.91 -13.94
CA VAL C 536 -22.24 -15.99 -14.57
C VAL C 536 -20.87 -16.54 -14.31
N PRO C 537 -20.11 -16.81 -15.36
CA PRO C 537 -18.75 -17.36 -15.30
C PRO C 537 -17.81 -16.43 -14.64
N ILE C 538 -17.18 -16.95 -13.61
CA ILE C 538 -16.23 -16.20 -12.83
C ILE C 538 -15.31 -15.41 -13.73
N GLU C 539 -14.84 -16.06 -14.77
CA GLU C 539 -13.94 -15.47 -15.76
C GLU C 539 -14.42 -14.08 -16.18
N LYS C 540 -15.74 -13.90 -16.13
CA LYS C 540 -16.35 -12.64 -16.52
C LYS C 540 -16.10 -11.53 -15.48
N ILE C 541 -15.78 -11.92 -14.26
CA ILE C 541 -15.52 -10.95 -13.21
C ILE C 541 -14.09 -10.92 -12.77
N TYR C 542 -13.53 -12.10 -12.51
CA TYR C 542 -12.15 -12.18 -12.05
C TYR C 542 -11.18 -12.51 -13.15
N ASN C 543 -10.08 -11.78 -13.18
CA ASN C 543 -9.07 -12.02 -14.18
C ASN C 543 -8.22 -13.19 -13.74
N LYS C 544 -7.39 -13.64 -14.66
CA LYS C 544 -6.46 -14.73 -14.43
C LYS C 544 -5.80 -14.57 -13.08
N THR C 545 -5.02 -13.52 -12.95
CA THR C 545 -4.31 -13.22 -11.72
C THR C 545 -5.20 -13.33 -10.45
N GLN C 546 -6.34 -12.64 -10.47
CA GLN C 546 -7.30 -12.60 -9.36
C GLN C 546 -7.84 -13.97 -8.98
N ARG C 547 -8.09 -14.77 -10.00
CA ARG C 547 -8.60 -16.10 -9.82
C ARG C 547 -7.60 -16.92 -9.04
N GLU C 548 -6.33 -16.75 -9.41
CA GLU C 548 -5.27 -17.44 -8.74
C GLU C 548 -5.27 -16.94 -7.32
N LYS C 549 -5.50 -15.66 -7.13
CA LYS C 549 -5.51 -15.14 -5.80
C LYS C 549 -6.68 -15.66 -4.98
N PHE C 550 -7.87 -15.71 -5.57
CA PHE C 550 -9.04 -16.15 -4.84
C PHE C 550 -9.42 -17.58 -5.01
N ALA C 551 -8.51 -18.39 -5.55
CA ALA C 551 -8.78 -19.80 -5.79
C ALA C 551 -9.42 -20.57 -4.64
N TRP C 552 -9.06 -20.22 -3.41
CA TRP C 552 -9.64 -20.88 -2.27
C TRP C 552 -11.12 -20.56 -2.37
N ALA C 553 -11.42 -19.26 -2.34
CA ALA C 553 -12.77 -18.74 -2.43
C ALA C 553 -13.46 -19.38 -3.60
N ILE C 554 -12.77 -19.41 -4.71
CA ILE C 554 -13.34 -20.00 -5.87
C ILE C 554 -13.67 -21.47 -5.66
N ASP C 555 -12.72 -22.27 -5.21
CA ASP C 555 -12.97 -23.71 -5.05
C ASP C 555 -13.89 -24.12 -3.92
N MET C 556 -14.05 -23.28 -2.92
CA MET C 556 -14.87 -23.69 -1.81
C MET C 556 -15.98 -22.75 -1.53
N ALA C 557 -16.91 -22.61 -2.46
CA ALA C 557 -17.97 -21.69 -2.15
C ALA C 557 -19.27 -22.08 -2.82
N ASP C 558 -20.35 -22.05 -2.04
CA ASP C 558 -21.66 -22.40 -2.57
C ASP C 558 -22.27 -21.19 -3.28
N GLU C 559 -23.28 -21.49 -4.09
CA GLU C 559 -24.06 -20.48 -4.77
C GLU C 559 -24.68 -19.74 -3.58
N ASP C 560 -25.00 -20.52 -2.55
CA ASP C 560 -25.61 -20.04 -1.31
C ASP C 560 -24.70 -19.47 -0.21
N TYR C 561 -23.47 -19.08 -0.56
CA TYR C 561 -22.63 -18.50 0.46
C TYR C 561 -23.29 -17.17 0.76
N GLU C 562 -23.20 -16.77 2.02
CA GLU C 562 -23.78 -15.54 2.50
C GLU C 562 -22.82 -15.03 3.56
N PHE C 563 -22.17 -13.91 3.26
CA PHE C 563 -21.19 -13.27 4.14
C PHE C 563 -21.73 -13.05 5.54
#